data_4NCE
#
_entry.id   4NCE
#
_cell.length_a   81.440
_cell.length_b   81.440
_cell.length_c   54.560
_cell.angle_alpha   90.00
_cell.angle_beta   90.00
_cell.angle_gamma   120.00
#
_symmetry.space_group_name_H-M   'P 65'
#
loop_
_entity.id
_entity.type
_entity.pdbx_description
1 polymer 'Polymerase basic protein 2'
2 non-polymer "7N-METHYL-8-HYDROGUANOSINE-5'-TRIPHOSPHATE"
3 non-polymer '9,10-dioxo-9,10-dihydroanthracene-2,6-disulfonic acid'
4 water water
#
_entity_poly.entity_id   1
_entity_poly.type   'polypeptide(L)'
_entity_poly.pdbx_seq_one_letter_code
;GHMRISSSFSFGGFTFKRTSGSSIKREEEVLTGNLQTLKIRVHEGYEEFTMVGKRATAILRKATRRLVQLIVSGKDEQSI
AEAIIVAMVFSQEDCMIKAVRGDLNFVNRANQRLNPMHQLLRHFQKDAKVLFQNWGIEHIDNVMGMVGVLPDMTPSTEMS
MRGIRVSKM
;
_entity_poly.pdbx_strand_id   A
#
loop_
_chem_comp.id
_chem_comp.type
_chem_comp.name
_chem_comp.formula
11H non-polymer '9,10-dioxo-9,10-dihydroanthracene-2,6-disulfonic acid' 'C14 H8 O8 S2'
MGT non-polymer 7N-METHYL-8-HYDROGUANOSINE-5'-TRIPHOSPHATE 'C11 H20 N5 O14 P3'
#
# COMPACT_ATOMS: atom_id res chain seq x y z
N SER A 7 -11.99 -14.01 6.37
CA SER A 7 -11.75 -13.01 7.46
C SER A 7 -12.01 -11.55 7.02
N SER A 8 -12.41 -10.73 7.99
CA SER A 8 -12.76 -9.33 7.79
C SER A 8 -12.18 -8.45 8.92
N PHE A 9 -11.49 -7.37 8.54
CA PHE A 9 -10.84 -6.47 9.50
C PHE A 9 -10.70 -5.06 8.91
N SER A 10 -10.29 -4.12 9.76
CA SER A 10 -10.03 -2.73 9.35
C SER A 10 -8.56 -2.38 9.38
N PHE A 11 -8.14 -1.60 8.40
CA PHE A 11 -6.80 -1.02 8.38
C PHE A 11 -6.76 0.26 7.54
N GLY A 12 -6.33 1.36 8.16
CA GLY A 12 -6.18 2.65 7.48
C GLY A 12 -7.46 3.20 6.88
N GLY A 13 -8.58 2.93 7.53
CA GLY A 13 -9.89 3.40 7.05
C GLY A 13 -10.55 2.49 6.03
N PHE A 14 -9.99 1.31 5.78
CA PHE A 14 -10.54 0.38 4.79
C PHE A 14 -10.95 -0.91 5.45
N THR A 15 -12.15 -1.40 5.11
CA THR A 15 -12.56 -2.74 5.49
C THR A 15 -11.97 -3.71 4.47
N PHE A 16 -11.11 -4.60 4.94
CA PHE A 16 -10.52 -5.65 4.12
C PHE A 16 -11.35 -6.90 4.29
N LYS A 17 -11.78 -7.50 3.19
CA LYS A 17 -12.38 -8.83 3.25
C LYS A 17 -11.54 -9.77 2.42
N ARG A 18 -11.11 -10.88 3.04
CA ARG A 18 -10.37 -11.91 2.31
C ARG A 18 -11.30 -12.77 1.47
N THR A 19 -11.00 -12.83 0.18
CA THR A 19 -11.80 -13.59 -0.78
C THR A 19 -11.11 -14.90 -1.19
N SER A 20 -9.78 -14.93 -1.19
CA SER A 20 -9.02 -16.15 -1.49
C SER A 20 -7.80 -16.22 -0.64
N GLY A 21 -7.20 -17.39 -0.60
CA GLY A 21 -5.91 -17.59 0.04
C GLY A 21 -6.01 -17.76 1.54
N SER A 22 -4.85 -17.92 2.18
CA SER A 22 -4.74 -18.12 3.61
C SER A 22 -3.34 -17.71 4.07
N SER A 23 -3.19 -17.45 5.37
CA SER A 23 -1.91 -17.03 5.93
C SER A 23 -1.70 -17.49 7.37
N ILE A 24 -0.45 -17.49 7.80
CA ILE A 24 -0.12 -17.69 9.21
C ILE A 24 0.69 -16.47 9.61
N LYS A 25 0.46 -15.95 10.80
CA LYS A 25 1.19 -14.73 11.18
C LYS A 25 2.47 -15.04 11.94
N ARG A 26 3.46 -14.17 11.74
CA ARG A 26 4.76 -14.32 12.36
C ARG A 26 5.35 -12.95 12.59
N GLU A 27 5.82 -12.76 13.80
CA GLU A 27 6.48 -11.52 14.16
C GLU A 27 7.86 -11.43 13.52
N GLU A 28 8.17 -10.31 12.89
CA GLU A 28 9.38 -10.17 12.11
C GLU A 28 9.98 -8.78 12.22
N GLU A 29 11.29 -8.68 12.00
CA GLU A 29 11.98 -7.39 12.00
C GLU A 29 12.26 -6.91 10.60
N VAL A 30 12.21 -5.59 10.40
CA VAL A 30 12.60 -4.99 9.12
C VAL A 30 13.53 -3.79 9.36
N LEU A 31 14.32 -3.45 8.35
CA LEU A 31 15.21 -2.26 8.39
C LEU A 31 14.68 -1.18 7.46
N THR A 32 14.50 0.03 7.96
CA THR A 32 14.09 1.15 7.09
C THR A 32 15.27 1.66 6.27
N GLY A 33 14.98 2.55 5.33
CA GLY A 33 16.02 3.27 4.59
C GLY A 33 16.98 4.05 5.48
N ASN A 34 16.56 4.30 6.73
CA ASN A 34 17.40 4.97 7.74
C ASN A 34 17.97 3.94 8.73
N LEU A 35 17.93 2.67 8.34
CA LEU A 35 18.50 1.56 9.11
C LEU A 35 17.95 1.47 10.53
N GLN A 36 16.70 1.90 10.66
CA GLN A 36 15.95 1.69 11.88
C GLN A 36 15.28 0.32 11.82
N THR A 37 15.35 -0.43 12.93
CA THR A 37 14.63 -1.69 13.07
C THR A 37 13.17 -1.52 13.54
N LEU A 38 12.25 -2.08 12.77
CA LEU A 38 10.84 -2.12 13.14
C LEU A 38 10.38 -3.57 13.26
N LYS A 39 9.59 -3.84 14.28
CA LYS A 39 9.01 -5.15 14.46
C LYS A 39 7.60 -5.12 13.89
N ILE A 40 7.32 -5.90 12.85
CA ILE A 40 5.96 -6.02 12.30
C ILE A 40 5.43 -7.46 12.35
N ARG A 41 4.12 -7.61 12.38
CA ARG A 41 3.50 -8.93 12.31
C ARG A 41 3.23 -9.28 10.85
N VAL A 42 3.96 -10.25 10.35
CA VAL A 42 3.94 -10.63 8.94
C VAL A 42 3.00 -11.80 8.72
N HIS A 43 2.10 -11.66 7.75
CA HIS A 43 1.18 -12.75 7.38
C HIS A 43 1.75 -13.54 6.20
N GLU A 44 2.09 -14.80 6.44
CA GLU A 44 2.78 -15.59 5.44
C GLU A 44 1.77 -16.39 4.64
N GLY A 45 1.75 -16.18 3.33
CA GLY A 45 0.81 -16.88 2.45
C GLY A 45 0.23 -15.93 1.42
N TYR A 46 -0.16 -16.48 0.28
CA TYR A 46 -0.80 -15.70 -0.77
C TYR A 46 -2.28 -15.44 -0.41
N GLU A 47 -2.69 -14.17 -0.50
CA GLU A 47 -4.05 -13.80 -0.16
C GLU A 47 -4.60 -12.77 -1.13
N GLU A 48 -5.93 -12.75 -1.24
CA GLU A 48 -6.66 -11.82 -2.08
C GLU A 48 -7.75 -11.18 -1.23
N PHE A 49 -7.89 -9.87 -1.36
CA PHE A 49 -8.81 -9.08 -0.54
C PHE A 49 -9.57 -8.05 -1.40
N THR A 50 -10.77 -7.68 -0.94
CA THR A 50 -11.41 -6.46 -1.43
C THR A 50 -11.20 -5.43 -0.31
N MET A 51 -10.74 -4.24 -0.67
CA MET A 51 -10.65 -3.12 0.26
C MET A 51 -11.86 -2.25 0.03
N VAL A 52 -12.68 -2.09 1.06
CA VAL A 52 -13.84 -1.21 0.97
C VAL A 52 -13.62 0.02 1.84
N GLY A 53 -13.52 1.17 1.19
CA GLY A 53 -13.43 2.44 1.86
C GLY A 53 -14.64 3.30 1.54
N LYS A 54 -14.74 4.45 2.16
CA LYS A 54 -15.86 5.35 1.92
C LYS A 54 -15.64 6.19 0.65
N ARG A 55 -14.38 6.32 0.21
CA ARG A 55 -14.06 7.15 -0.97
C ARG A 55 -13.36 6.39 -2.10
N ALA A 56 -13.01 5.13 -1.85
CA ALA A 56 -12.32 4.30 -2.80
C ALA A 56 -12.57 2.83 -2.46
N THR A 57 -12.58 2.00 -3.49
CA THR A 57 -12.59 0.57 -3.26
C THR A 57 -11.52 -0.06 -4.15
N ALA A 58 -10.95 -1.16 -3.69
CA ALA A 58 -9.89 -1.81 -4.44
C ALA A 58 -9.95 -3.35 -4.34
N ILE A 59 -9.13 -3.96 -5.17
CA ILE A 59 -9.03 -5.39 -5.19
C ILE A 59 -7.53 -5.66 -5.11
N LEU A 60 -7.13 -6.31 -4.01
CA LEU A 60 -5.72 -6.49 -3.68
C LEU A 60 -5.32 -7.95 -3.72
N ARG A 61 -4.22 -8.22 -4.44
CA ARG A 61 -3.60 -9.53 -4.44
C ARG A 61 -2.24 -9.38 -3.82
N LYS A 62 -1.95 -10.20 -2.81
CA LYS A 62 -0.63 -10.17 -2.17
C LYS A 62 -0.06 -11.55 -1.85
N ALA A 63 1.24 -11.70 -2.13
CA ALA A 63 2.04 -12.81 -1.59
C ALA A 63 2.79 -12.29 -0.36
N THR A 64 3.59 -13.12 0.28
CA THR A 64 4.25 -12.69 1.52
C THR A 64 5.16 -11.46 1.32
N ARG A 65 4.86 -10.38 2.02
CA ARG A 65 5.58 -9.11 1.91
C ARG A 65 5.79 -8.68 0.45
N ARG A 66 4.80 -8.95 -0.40
CA ARG A 66 4.82 -8.54 -1.80
C ARG A 66 3.42 -8.25 -2.33
N LEU A 67 3.16 -6.99 -2.70
CA LEU A 67 1.94 -6.66 -3.41
C LEU A 67 2.07 -7.18 -4.84
N VAL A 68 1.13 -8.02 -5.26
CA VAL A 68 1.13 -8.61 -6.61
C VAL A 68 0.31 -7.74 -7.56
N GLN A 69 -0.83 -7.25 -7.08
CA GLN A 69 -1.69 -6.40 -7.87
C GLN A 69 -2.68 -5.60 -7.05
N LEU A 70 -2.90 -4.36 -7.45
CA LEU A 70 -3.95 -3.53 -6.89
C LEU A 70 -4.73 -2.81 -7.98
N ILE A 71 -6.03 -3.09 -8.08
CA ILE A 71 -6.91 -2.34 -8.98
C ILE A 71 -7.85 -1.42 -8.16
N VAL A 72 -7.68 -0.11 -8.34
CA VAL A 72 -8.37 0.88 -7.49
C VAL A 72 -9.37 1.71 -8.28
N SER A 73 -10.53 1.88 -7.67
CA SER A 73 -11.56 2.76 -8.15
C SER A 73 -11.80 3.75 -7.02
N GLY A 74 -12.19 4.98 -7.32
CA GLY A 74 -12.46 5.98 -6.25
C GLY A 74 -12.98 7.32 -6.74
N LYS A 75 -13.27 8.22 -5.81
CA LYS A 75 -13.81 9.55 -6.12
C LYS A 75 -12.89 10.41 -7.03
N ASP A 76 -11.59 10.40 -6.74
CA ASP A 76 -10.62 11.27 -7.40
C ASP A 76 -9.20 10.90 -6.98
N GLU A 77 -8.23 11.65 -7.50
CA GLU A 77 -6.80 11.39 -7.28
CA GLU A 77 -6.81 11.37 -7.28
C GLU A 77 -6.45 11.12 -5.81
N GLN A 78 -6.84 12.05 -4.92
N GLN A 78 -6.87 12.03 -4.93
CA GLN A 78 -6.52 11.93 -3.49
CA GLN A 78 -6.52 11.98 -3.52
C GLN A 78 -7.07 10.64 -2.90
C GLN A 78 -7.12 10.76 -2.79
N SER A 79 -8.36 10.39 -3.14
CA SER A 79 -9.03 9.20 -2.59
C SER A 79 -8.40 7.91 -3.05
N ILE A 80 -7.96 7.90 -4.30
CA ILE A 80 -7.35 6.73 -4.94
C ILE A 80 -5.92 6.56 -4.45
N ALA A 81 -5.18 7.66 -4.32
CA ALA A 81 -3.84 7.63 -3.70
C ALA A 81 -3.89 7.12 -2.25
N GLU A 82 -4.87 7.61 -1.49
CA GLU A 82 -5.12 7.15 -0.12
C GLU A 82 -5.17 5.62 -0.08
N ALA A 83 -5.95 5.01 -0.97
CA ALA A 83 -6.04 3.55 -1.04
C ALA A 83 -4.74 2.87 -1.51
N ILE A 84 -4.04 3.48 -2.46
CA ILE A 84 -2.77 2.97 -2.95
C ILE A 84 -1.74 2.93 -1.81
N ILE A 85 -1.70 4.01 -1.02
CA ILE A 85 -0.79 4.10 0.11
C ILE A 85 -1.13 3.03 1.12
N VAL A 86 -2.40 2.94 1.52
CA VAL A 86 -2.82 1.89 2.48
C VAL A 86 -2.39 0.49 2.00
N ALA A 87 -2.56 0.22 0.72
CA ALA A 87 -2.32 -1.09 0.16
C ALA A 87 -0.83 -1.40 0.13
N MET A 88 -0.03 -0.40 -0.20
CA MET A 88 1.42 -0.53 -0.23
C MET A 88 2.01 -0.82 1.15
N VAL A 89 1.50 -0.13 2.17
CA VAL A 89 1.94 -0.33 3.55
C VAL A 89 1.52 -1.71 4.02
N PHE A 90 0.26 -2.04 3.71
CA PHE A 90 -0.36 -3.30 4.12
C PHE A 90 0.43 -4.46 3.56
N SER A 91 0.87 -4.33 2.30
CA SER A 91 1.62 -5.35 1.59
C SER A 91 2.92 -5.68 2.30
N GLN A 92 3.39 -4.77 3.17
CA GLN A 92 4.66 -4.91 3.90
C GLN A 92 5.91 -5.13 3.00
N GLU A 93 5.81 -4.75 1.72
CA GLU A 93 6.94 -4.83 0.79
C GLU A 93 8.17 -4.11 1.32
N ASP A 94 9.34 -4.68 1.07
CA ASP A 94 10.62 -4.09 1.46
C ASP A 94 10.85 -2.67 0.86
N CYS A 95 10.43 -2.45 -0.39
CA CYS A 95 10.62 -1.12 -1.00
C CYS A 95 9.78 -0.02 -0.34
N MET A 96 8.66 -0.41 0.28
CA MET A 96 7.84 0.52 1.05
C MET A 96 8.56 0.87 2.35
N ILE A 97 9.11 -0.15 3.01
CA ILE A 97 9.90 0.06 4.22
C ILE A 97 11.24 0.79 3.96
N LYS A 98 11.91 0.47 2.85
CA LYS A 98 13.14 1.19 2.45
C LYS A 98 12.88 2.65 2.03
N ALA A 99 11.61 2.97 1.75
CA ALA A 99 11.23 4.34 1.38
C ALA A 99 11.12 5.28 2.59
N VAL A 100 11.14 4.72 3.80
CA VAL A 100 11.27 5.52 5.02
C VAL A 100 12.71 5.99 5.16
N ARG A 101 12.95 7.28 4.95
CA ARG A 101 14.32 7.84 4.88
C ARG A 101 14.84 8.48 6.17
N GLY A 102 13.93 8.81 7.10
CA GLY A 102 14.31 9.39 8.41
C GLY A 102 13.80 8.53 9.55
N ASP A 103 14.00 8.98 10.79
CA ASP A 103 13.54 8.19 11.94
C ASP A 103 12.04 8.26 12.17
N LEU A 104 11.49 7.14 12.61
CA LEU A 104 10.11 7.03 13.05
C LEU A 104 10.07 7.18 14.56
N ASN A 105 9.21 8.09 15.01
CA ASN A 105 9.20 8.56 16.38
C ASN A 105 8.23 7.70 17.20
N PHE A 106 8.78 6.84 18.06
CA PHE A 106 7.95 6.01 18.95
C PHE A 106 7.88 6.59 20.35
N VAL A 107 8.70 7.59 20.64
CA VAL A 107 8.76 8.09 22.00
C VAL A 107 7.70 9.15 22.33
N ASN A 108 7.36 10.00 21.38
CA ASN A 108 6.50 11.10 21.75
C ASN A 108 5.07 10.64 22.01
N ARG A 109 4.41 11.36 22.91
CA ARG A 109 3.17 10.93 23.53
C ARG A 109 2.06 10.69 22.51
N ALA A 110 2.02 11.52 21.47
CA ALA A 110 0.98 11.42 20.44
C ALA A 110 1.10 10.15 19.58
N ASN A 111 2.22 9.44 19.71
CA ASN A 111 2.48 8.25 18.90
C ASN A 111 2.36 6.94 19.67
N GLN A 112 2.06 7.00 20.96
CA GLN A 112 1.98 5.79 21.79
C GLN A 112 0.89 4.83 21.34
N ARG A 113 -0.15 5.34 20.67
CA ARG A 113 -1.23 4.50 20.14
C ARG A 113 -0.80 3.65 18.94
N LEU A 114 0.24 4.10 18.24
CA LEU A 114 0.66 3.53 16.97
C LEU A 114 1.66 2.35 17.07
N ASN A 115 1.30 1.21 16.49
CA ASN A 115 2.28 0.16 16.19
C ASN A 115 3.09 0.56 14.93
N PRO A 116 4.19 -0.17 14.66
CA PRO A 116 5.04 0.12 13.47
C PRO A 116 4.28 0.22 12.14
N MET A 117 3.33 -0.69 11.93
CA MET A 117 2.43 -0.67 10.76
C MET A 117 1.65 0.65 10.65
N HIS A 118 1.12 1.13 11.78
CA HIS A 118 0.40 2.40 11.76
C HIS A 118 1.32 3.60 11.72
N GLN A 119 2.54 3.42 12.21
CA GLN A 119 3.58 4.43 12.09
C GLN A 119 3.94 4.65 10.63
N LEU A 120 4.08 3.54 9.90
CA LEU A 120 4.44 3.55 8.50
C LEU A 120 3.33 4.20 7.71
N LEU A 121 2.09 3.87 8.07
CA LEU A 121 0.94 4.40 7.38
C LEU A 121 0.90 5.93 7.53
N ARG A 122 1.03 6.39 8.76
CA ARG A 122 1.05 7.81 9.08
C ARG A 122 2.17 8.53 8.34
N HIS A 123 3.34 7.90 8.29
CA HIS A 123 4.50 8.44 7.60
C HIS A 123 4.20 8.67 6.10
N PHE A 124 3.57 7.70 5.46
CA PHE A 124 3.26 7.86 4.05
C PHE A 124 2.03 8.73 3.77
N GLN A 125 1.06 8.78 4.69
CA GLN A 125 -0.04 9.73 4.60
C GLN A 125 0.42 11.19 4.68
N LYS A 126 1.41 11.48 5.52
CA LYS A 126 1.97 12.83 5.59
C LYS A 126 2.62 13.23 4.26
N ASP A 127 3.29 12.29 3.59
CA ASP A 127 3.93 12.51 2.29
C ASP A 127 4.29 11.19 1.57
N ALA A 128 3.67 10.93 0.41
CA ALA A 128 3.89 9.66 -0.27
C ALA A 128 4.98 9.72 -1.36
N LYS A 129 5.55 10.89 -1.58
CA LYS A 129 6.51 11.11 -2.66
C LYS A 129 7.61 10.05 -2.76
N VAL A 130 8.36 9.84 -1.67
CA VAL A 130 9.48 8.89 -1.71
C VAL A 130 8.99 7.45 -1.97
N LEU A 131 7.88 7.10 -1.32
CA LEU A 131 7.23 5.80 -1.45
C LEU A 131 6.88 5.53 -2.91
N PHE A 132 6.21 6.49 -3.54
CA PHE A 132 5.79 6.35 -4.93
C PHE A 132 6.98 6.33 -5.89
N GLN A 133 7.98 7.19 -5.67
CA GLN A 133 9.18 7.26 -6.51
C GLN A 133 9.97 5.95 -6.46
N ASN A 134 10.00 5.31 -5.30
CA ASN A 134 10.89 4.17 -5.15
C ASN A 134 10.21 2.81 -5.30
N TRP A 135 8.90 2.81 -5.54
CA TRP A 135 8.13 1.58 -5.67
C TRP A 135 8.54 0.82 -6.94
N GLY A 136 8.65 1.55 -8.05
CA GLY A 136 9.02 0.96 -9.32
C GLY A 136 7.92 1.10 -10.35
N ILE A 137 8.33 1.02 -11.62
CA ILE A 137 7.46 1.35 -12.72
C ILE A 137 7.44 0.19 -13.72
N GLU A 138 6.36 0.08 -14.49
CA GLU A 138 6.25 -1.00 -15.48
C GLU A 138 5.44 -0.54 -16.69
N HIS A 139 5.67 -1.18 -17.85
CA HIS A 139 4.86 -0.95 -19.05
CA HIS A 139 4.87 -0.93 -19.04
C HIS A 139 3.54 -1.69 -18.88
N ILE A 140 2.46 -1.10 -19.37
CA ILE A 140 1.12 -1.68 -19.21
C ILE A 140 0.43 -1.97 -20.56
N ASP A 141 -0.67 -2.74 -20.49
CA ASP A 141 -1.48 -3.04 -21.67
C ASP A 141 -2.68 -2.11 -21.72
N ASN A 142 -3.29 -1.99 -22.89
CA ASN A 142 -4.45 -1.10 -23.07
C ASN A 142 -5.77 -1.68 -22.52
N VAL A 143 -5.65 -2.57 -21.52
CA VAL A 143 -6.78 -3.29 -20.90
C VAL A 143 -7.80 -2.32 -20.38
N MET A 144 -9.06 -2.56 -20.70
CA MET A 144 -9.99 -1.45 -20.73
C MET A 144 -10.88 -1.20 -19.51
N GLY A 145 -11.05 0.10 -19.25
CA GLY A 145 -11.51 0.61 -17.98
C GLY A 145 -10.35 1.00 -17.08
N MET A 146 -9.16 0.49 -17.40
CA MET A 146 -8.00 0.60 -16.52
C MET A 146 -6.91 1.48 -17.08
N VAL A 147 -6.39 2.36 -16.23
CA VAL A 147 -5.25 3.18 -16.58
C VAL A 147 -4.09 2.91 -15.63
N GLY A 148 -2.89 3.23 -16.10
CA GLY A 148 -1.74 3.25 -15.26
C GLY A 148 -1.70 4.58 -14.54
N VAL A 149 -0.97 4.61 -13.44
CA VAL A 149 -0.77 5.82 -12.70
C VAL A 149 0.72 5.94 -12.42
N LEU A 150 1.30 7.10 -12.72
CA LEU A 150 2.73 7.38 -12.52
C LEU A 150 3.01 7.81 -11.07
N PRO A 151 4.30 7.81 -10.64
CA PRO A 151 4.60 8.17 -9.24
C PRO A 151 4.02 9.51 -8.75
N ASP A 152 3.82 10.46 -9.66
CA ASP A 152 3.16 11.73 -9.30
C ASP A 152 1.63 11.67 -9.41
N MET A 153 1.11 10.46 -9.58
CA MET A 153 -0.34 10.20 -9.68
C MET A 153 -1.02 10.69 -10.98
N THR A 154 -0.22 11.10 -11.98
CA THR A 154 -0.70 11.37 -13.35
C THR A 154 -1.11 10.07 -14.05
N PRO A 155 -2.31 10.05 -14.66
CA PRO A 155 -2.71 8.86 -15.42
C PRO A 155 -1.85 8.64 -16.68
N SER A 156 -1.62 7.38 -17.01
CA SER A 156 -0.80 7.02 -18.15
C SER A 156 -1.42 5.80 -18.83
N THR A 157 -1.33 5.76 -20.15
CA THR A 157 -1.76 4.57 -20.89
C THR A 157 -0.58 3.64 -21.20
N GLU A 158 0.65 4.12 -20.97
CA GLU A 158 1.85 3.33 -21.26
C GLU A 158 2.45 2.69 -20.04
N MET A 159 2.46 3.40 -18.93
CA MET A 159 3.21 2.96 -17.77
C MET A 159 2.45 3.12 -16.47
N SER A 160 2.91 2.43 -15.43
CA SER A 160 2.30 2.52 -14.13
C SER A 160 3.24 2.04 -13.05
N MET A 161 3.03 2.55 -11.83
CA MET A 161 3.65 1.96 -10.66
C MET A 161 3.36 0.46 -10.64
N ARG A 162 4.39 -0.33 -10.33
CA ARG A 162 4.36 -1.78 -10.44
C ARG A 162 3.15 -2.41 -9.75
N GLY A 163 2.37 -3.18 -10.52
CA GLY A 163 1.20 -3.88 -9.98
C GLY A 163 -0.09 -3.08 -9.81
N ILE A 164 -0.02 -1.76 -10.02
CA ILE A 164 -1.11 -0.82 -9.70
C ILE A 164 -1.90 -0.40 -10.95
N ARG A 165 -3.21 -0.58 -10.93
CA ARG A 165 -4.08 -0.04 -11.97
C ARG A 165 -5.21 0.79 -11.35
N VAL A 166 -5.54 1.89 -12.01
CA VAL A 166 -6.70 2.68 -11.63
C VAL A 166 -7.84 2.34 -12.59
N SER A 167 -9.00 2.00 -12.03
CA SER A 167 -10.16 1.68 -12.83
C SER A 167 -11.15 2.84 -12.83
N LYS A 168 -11.87 2.97 -13.93
CA LYS A 168 -13.04 3.83 -14.02
C LYS A 168 -14.13 3.31 -13.07
N MET A 169 -14.92 4.24 -12.55
CA MET A 169 -16.09 3.92 -11.74
C MET A 169 -16.94 2.84 -12.42
PG MGT B . 0.11 -5.86 16.62
O1G MGT B . 0.98 -6.53 15.65
O2G MGT B . 0.65 -4.36 16.92
O3G MGT B . 0.01 -6.69 18.01
O3B MGT B . -1.39 -5.77 16.03
PB MGT B . -2.08 -6.40 14.73
O1B MGT B . -3.53 -6.11 14.84
O2B MGT B . -1.86 -7.99 14.66
O3A MGT B . -1.45 -5.70 13.42
PA MGT B . -2.01 -4.57 12.42
O1A MGT B . -1.35 -4.75 11.10
O2A MGT B . -1.79 -3.08 12.99
O5' MGT B . -3.61 -4.71 12.37
C5' MGT B . -4.44 -4.47 11.24
C4' MGT B . -5.25 -5.73 10.88
O4' MGT B . -4.80 -6.12 9.60
C3' MGT B . -5.05 -6.92 11.85
O3' MGT B . -6.29 -7.55 12.11
C2' MGT B . -4.14 -7.89 11.03
O2' MGT B . -4.40 -9.28 11.29
C1' MGT B . -4.57 -7.53 9.60
N9 MGT B . -3.50 -7.82 8.66
C8 MGT B . -2.26 -7.06 8.50
N7 MGT B . -1.58 -7.65 7.35
CM7 MGT B . -0.34 -7.12 6.78
C5 MGT B . -2.36 -8.77 6.95
C6 MGT B . -2.20 -9.76 5.94
O6 MGT B . -1.24 -9.77 5.19
N1 MGT B . -3.15 -10.73 5.82
C2 MGT B . -4.23 -10.75 6.65
N2 MGT B . -5.17 -11.74 6.52
N3 MGT B . -4.40 -9.84 7.58
C4 MGT B . -3.49 -8.86 7.75
O01 11H C . 9.40 -3.02 17.84
S02 11H C . 8.76 -1.82 17.32
O03 11H C . 8.79 -1.76 15.86
O04 11H C . 7.46 -1.60 17.95
C05 11H C . 9.80 -0.47 17.78
C06 11H C . 10.88 -0.17 16.94
C07 11H C . 11.74 0.87 17.24
C08 11H C . 11.49 1.61 18.41
C09 11H C . 12.41 2.72 18.74
O10 11H C . 13.22 3.16 17.92
C11 11H C . 12.32 3.26 20.11
C12 11H C . 11.25 2.99 20.98
C13 11H C . 11.24 3.52 22.28
C14 11H C . 12.30 4.32 22.70
C15 11H C . 13.34 4.58 21.81
C16 11H C . 13.37 4.06 20.54
S17 11H C . 14.74 5.54 22.24
O18 11H C . 15.35 6.00 21.00
O19 11H C . 14.25 6.58 23.11
O20 11H C . 15.64 4.66 22.96
C21 11H C . 10.16 2.10 20.51
O22 11H C . 9.16 1.93 21.17
C23 11H C . 10.39 1.32 19.26
C24 11H C . 9.54 0.26 18.94
O01 11H D . -13.40 -0.79 -23.16
S02 11H D . -14.53 -1.66 -22.85
O03 11H D . -14.39 -3.06 -23.23
O04 11H D . -15.76 -1.09 -23.38
C05 11H D . -14.63 -1.61 -21.09
C06 11H D . -14.39 -0.37 -20.52
C07 11H D . -14.44 -0.17 -19.16
C08 11H D . -14.73 -1.24 -18.33
C09 11H D . -14.79 -0.99 -16.88
O10 11H D . -14.57 0.10 -16.42
C11 11H D . -15.23 -2.08 -15.99
C12 11H D . -15.47 -3.37 -16.52
C13 11H D . -15.90 -4.40 -15.68
C14 11H D . -16.07 -4.11 -14.33
C15 11H D . -15.83 -2.84 -13.83
C16 11H D . -15.41 -1.81 -14.64
S17 11H D . -16.08 -2.57 -12.11
O18 11H D . -16.20 -3.93 -11.62
O19 11H D . -17.32 -1.79 -11.97
O20 11H D . -14.93 -1.85 -11.60
C21 11H D . -15.29 -3.63 -17.96
O22 11H D . -15.49 -4.77 -18.36
C23 11H D . -14.98 -2.53 -18.88
C24 11H D . -14.92 -2.71 -20.28
#